data_4TS1
#
_entry.id   4TS1
#
_cell.length_a   95.460
_cell.length_b   67.060
_cell.length_c   61.370
_cell.angle_alpha   90.00
_cell.angle_beta   90.78
_cell.angle_gamma   90.00
#
_symmetry.space_group_name_H-M   'P 1 21 1'
#
loop_
_entity.id
_entity.type
_entity.pdbx_description
1 polymer 'TYROSYL-tRNA SYNTHETASE'
2 non-polymer TYROSINE
3 water water
#
_entity_poly.entity_id   1
_entity_poly.type   'polypeptide(L)'
_entity_poly.pdbx_seq_one_letter_code
;MDLLAELQWRGLVNQTTDEDGLRKLLNEERVTLYCGFDPTADSLHIGHLATILTMRRFQQAGHRPIALVGGATGLIGDPS
GKKSERTLNAKETVEAWSARIKEQLGRFLDFEADGNPAKIKNNYDWIGPLDVITFLRDVGKHFSVNYMMAKESVQSRIET
GISFTEFSYMMLQAYDFLRLYETEGCRLQIGGSDQWGNITAGLELIRKTKGEARAFGLTIPLVTKADGTKFGKTESGTIW
LDKEKTSPYEFYQFWINTDDRDVIRYLKYFTFLSKEEIEALEQELREAPEKRAAQKTLAEEVTKLVHGEEALRQAIRYA
;
_entity_poly.pdbx_strand_id   A,B
#
# COMPACT_ATOMS: atom_id res chain seq x y z
N MET A 1 5.38 -37.50 4.80
CA MET A 1 5.44 -39.00 4.82
C MET A 1 4.72 -39.48 6.09
N ASP A 2 5.55 -39.64 7.12
CA ASP A 2 5.06 -40.06 8.42
C ASP A 2 4.65 -38.88 9.30
N LEU A 3 5.43 -37.80 9.11
CA LEU A 3 5.14 -36.58 9.95
C LEU A 3 3.78 -36.07 9.51
N LEU A 4 3.56 -36.03 8.19
CA LEU A 4 2.26 -35.56 7.70
C LEU A 4 1.19 -36.48 8.29
N ALA A 5 1.39 -37.77 8.12
CA ALA A 5 0.45 -38.79 8.55
C ALA A 5 0.06 -38.62 10.02
N GLU A 6 1.04 -38.21 10.81
CA GLU A 6 0.73 -38.04 12.24
C GLU A 6 0.17 -36.68 12.57
N LEU A 7 0.49 -35.70 11.69
CA LEU A 7 -0.06 -34.35 11.98
C LEU A 7 -1.57 -34.52 11.77
N GLN A 8 -1.79 -35.16 10.66
CA GLN A 8 -3.07 -35.57 10.09
C GLN A 8 -3.83 -36.36 11.15
N TRP A 9 -3.11 -37.28 11.80
CA TRP A 9 -3.64 -38.14 12.86
C TRP A 9 -4.00 -37.29 14.07
N ARG A 10 -3.15 -36.34 14.41
CA ARG A 10 -3.49 -35.46 15.54
C ARG A 10 -4.52 -34.41 15.16
N GLY A 11 -4.93 -34.36 13.91
CA GLY A 11 -5.92 -33.35 13.45
C GLY A 11 -5.31 -31.93 13.49
N LEU A 12 -4.06 -31.77 13.11
CA LEU A 12 -3.25 -30.59 13.11
C LEU A 12 -3.07 -29.99 11.72
N VAL A 13 -3.54 -30.68 10.71
CA VAL A 13 -3.46 -30.25 9.35
C VAL A 13 -4.79 -29.70 8.86
N ASN A 14 -4.95 -28.44 8.58
CA ASN A 14 -6.28 -28.02 8.08
C ASN A 14 -6.28 -27.94 6.58
N GLN A 15 -5.20 -27.38 6.07
CA GLN A 15 -5.14 -27.20 4.59
C GLN A 15 -3.66 -27.19 4.27
N THR A 16 -3.32 -27.60 3.10
CA THR A 16 -1.98 -27.63 2.52
C THR A 16 -2.12 -27.36 1.03
N THR A 17 -1.22 -26.62 0.43
CA THR A 17 -1.28 -26.26 -1.00
C THR A 17 -1.14 -27.49 -1.89
N ASP A 18 -0.18 -28.31 -1.57
CA ASP A 18 0.16 -29.56 -2.28
C ASP A 18 0.64 -30.60 -1.26
N GLU A 19 -0.24 -31.44 -0.79
CA GLU A 19 0.13 -32.46 0.21
C GLU A 19 1.20 -33.35 -0.44
N ASP A 20 0.72 -33.91 -1.54
CA ASP A 20 1.59 -34.83 -2.31
C ASP A 20 2.98 -34.31 -2.50
N GLY A 21 3.07 -33.06 -2.92
CA GLY A 21 4.35 -32.42 -3.19
C GLY A 21 5.06 -32.24 -1.87
N LEU A 22 4.38 -31.88 -0.79
CA LEU A 22 4.99 -31.61 0.50
C LEU A 22 5.51 -32.84 1.22
N ARG A 23 4.70 -33.88 1.15
CA ARG A 23 5.03 -35.15 1.83
C ARG A 23 6.35 -35.69 1.28
N LYS A 24 6.64 -35.38 0.06
CA LYS A 24 7.78 -35.73 -0.74
C LYS A 24 9.04 -34.95 -0.34
N LEU A 25 8.87 -33.68 -0.03
CA LEU A 25 10.04 -32.87 0.36
C LEU A 25 10.46 -33.30 1.76
N LEU A 26 9.47 -33.51 2.63
CA LEU A 26 9.66 -33.87 4.03
C LEU A 26 10.40 -35.19 4.18
N ASN A 27 9.99 -36.14 3.36
CA ASN A 27 10.52 -37.51 3.31
C ASN A 27 11.88 -37.53 2.58
N GLU A 28 12.01 -36.58 1.69
CA GLU A 28 13.16 -36.44 0.84
C GLU A 28 14.18 -35.46 1.34
N GLU A 29 13.77 -34.41 2.05
CA GLU A 29 14.75 -33.42 2.50
C GLU A 29 14.50 -32.99 3.94
N ARG A 30 15.40 -32.12 4.35
CA ARG A 30 15.36 -31.53 5.71
C ARG A 30 14.76 -30.16 5.42
N VAL A 31 13.48 -29.97 5.63
CA VAL A 31 12.81 -28.73 5.33
C VAL A 31 12.98 -27.60 6.36
N THR A 32 13.37 -26.43 5.84
CA THR A 32 13.45 -25.20 6.62
C THR A 32 12.05 -24.56 6.62
N LEU A 33 11.35 -24.45 7.75
CA LEU A 33 10.01 -23.85 7.72
C LEU A 33 10.06 -22.66 8.70
N TYR A 34 9.00 -21.89 8.53
CA TYR A 34 8.80 -20.68 9.39
C TYR A 34 7.33 -20.58 9.78
N CYS A 35 7.11 -19.80 10.79
CA CYS A 35 5.80 -19.44 11.35
C CYS A 35 6.03 -18.04 11.93
N GLY A 36 5.09 -17.13 11.70
CA GLY A 36 5.23 -15.72 12.21
C GLY A 36 4.33 -15.47 13.42
N PHE A 37 4.74 -14.60 14.30
CA PHE A 37 4.04 -14.19 15.50
C PHE A 37 4.19 -12.67 15.59
N ASP A 38 3.06 -12.04 15.61
CA ASP A 38 2.88 -10.57 15.75
C ASP A 38 2.61 -10.24 17.23
N PRO A 39 3.42 -9.31 17.68
CA PRO A 39 3.31 -8.87 19.05
C PRO A 39 2.19 -7.84 19.12
N THR A 40 1.07 -8.33 19.53
CA THR A 40 -0.13 -7.48 19.76
C THR A 40 -0.32 -7.40 21.28
N ALA A 41 0.71 -7.91 21.97
CA ALA A 41 0.67 -7.89 23.45
C ALA A 41 2.02 -8.36 23.97
N ASP A 42 2.21 -8.24 25.28
CA ASP A 42 3.47 -8.55 25.94
C ASP A 42 3.81 -10.02 26.04
N SER A 43 2.83 -10.83 25.79
CA SER A 43 3.03 -12.27 25.98
C SER A 43 2.18 -12.96 24.95
N LEU A 44 2.61 -14.16 24.64
CA LEU A 44 1.87 -15.09 23.79
C LEU A 44 0.87 -15.73 24.81
N HIS A 45 -0.15 -16.30 24.24
CA HIS A 45 -1.19 -16.97 25.04
C HIS A 45 -1.44 -18.34 24.50
N ILE A 46 -2.28 -19.15 25.14
CA ILE A 46 -2.48 -20.54 24.66
C ILE A 46 -3.11 -20.61 23.30
N GLY A 47 -3.50 -19.51 22.69
CA GLY A 47 -4.04 -19.53 21.30
C GLY A 47 -2.84 -19.74 20.34
N HIS A 48 -1.64 -19.49 20.80
CA HIS A 48 -0.39 -19.64 20.14
C HIS A 48 0.25 -21.02 20.26
N LEU A 49 -0.15 -21.85 21.20
CA LEU A 49 0.49 -23.15 21.38
C LEU A 49 0.44 -24.13 20.23
N ALA A 50 -0.72 -24.37 19.64
CA ALA A 50 -0.78 -25.40 18.56
C ALA A 50 0.26 -25.18 17.50
N THR A 51 0.50 -23.88 17.09
CA THR A 51 1.45 -23.56 16.00
C THR A 51 2.88 -23.71 16.50
N ILE A 52 3.12 -23.31 17.73
CA ILE A 52 4.42 -23.47 18.35
C ILE A 52 4.71 -24.95 18.62
N LEU A 53 3.72 -25.74 19.08
CA LEU A 53 4.05 -27.17 19.38
C LEU A 53 4.18 -27.85 18.03
N THR A 54 3.51 -27.39 16.99
CA THR A 54 3.71 -28.00 15.65
C THR A 54 5.11 -27.79 15.05
N MET A 55 5.61 -26.57 15.23
CA MET A 55 6.96 -26.17 14.80
C MET A 55 7.90 -27.18 15.48
N ARG A 56 7.64 -27.41 16.75
CA ARG A 56 8.40 -28.37 17.53
C ARG A 56 8.31 -29.79 17.01
N ARG A 57 7.22 -30.23 16.47
CA ARG A 57 7.03 -31.60 15.98
C ARG A 57 7.83 -31.75 14.72
N PHE A 58 7.91 -30.60 14.03
CA PHE A 58 8.70 -30.61 12.74
C PHE A 58 10.18 -30.82 13.07
N GLN A 59 10.64 -30.00 13.97
CA GLN A 59 12.01 -30.01 14.47
C GLN A 59 12.40 -31.41 15.00
N GLN A 60 11.35 -32.09 15.48
CA GLN A 60 11.62 -33.44 16.04
C GLN A 60 11.82 -34.39 14.88
N ALA A 61 11.09 -34.17 13.85
CA ALA A 61 11.18 -34.94 12.60
C ALA A 61 12.46 -34.55 11.92
N GLY A 62 13.21 -33.60 12.48
CA GLY A 62 14.45 -33.28 11.78
C GLY A 62 14.37 -32.10 10.88
N HIS A 63 13.30 -31.35 10.77
CA HIS A 63 13.36 -30.12 9.89
C HIS A 63 13.85 -28.92 10.66
N ARG A 64 14.16 -27.77 10.11
CA ARG A 64 14.66 -26.63 10.89
C ARG A 64 13.67 -25.51 11.03
N PRO A 65 13.08 -25.28 12.21
CA PRO A 65 12.10 -24.21 12.46
C PRO A 65 12.69 -22.80 12.62
N ILE A 66 12.01 -21.88 11.93
CA ILE A 66 12.28 -20.46 11.99
C ILE A 66 11.05 -19.75 12.55
N ALA A 67 11.07 -19.22 13.75
CA ALA A 67 9.92 -18.45 14.20
C ALA A 67 10.23 -16.98 13.95
N LEU A 68 9.35 -16.33 13.23
CA LEU A 68 9.56 -14.88 12.98
C LEU A 68 8.68 -14.04 13.89
N VAL A 69 9.31 -13.06 14.58
CA VAL A 69 8.67 -12.09 15.48
C VAL A 69 8.33 -10.88 14.57
N GLY A 70 7.15 -10.47 14.35
CA GLY A 70 6.49 -9.46 13.63
C GLY A 70 6.84 -8.08 14.13
N GLY A 71 8.15 -7.85 14.07
CA GLY A 71 8.71 -6.57 14.54
C GLY A 71 8.05 -5.42 13.83
N ALA A 72 7.95 -5.63 12.53
CA ALA A 72 7.41 -4.63 11.60
C ALA A 72 5.96 -4.87 11.22
N THR A 73 5.44 -6.04 11.02
CA THR A 73 4.05 -6.29 10.64
C THR A 73 3.27 -5.98 11.91
N GLY A 74 3.87 -6.23 13.06
CA GLY A 74 3.15 -5.81 14.29
C GLY A 74 2.81 -4.33 14.33
N LEU A 75 3.35 -3.45 13.51
CA LEU A 75 3.09 -2.03 13.52
C LEU A 75 2.04 -1.65 12.49
N ILE A 76 1.63 -2.57 11.67
CA ILE A 76 0.67 -2.39 10.58
C ILE A 76 -0.67 -3.00 10.98
N GLY A 77 -0.70 -4.24 11.47
CA GLY A 77 -1.79 -5.03 11.93
C GLY A 77 -2.44 -6.01 10.97
N ASP A 78 -2.64 -7.29 11.29
CA ASP A 78 -3.26 -8.22 10.27
C ASP A 78 -4.76 -8.26 10.38
N PRO A 79 -5.53 -7.98 9.34
CA PRO A 79 -6.95 -8.02 9.45
C PRO A 79 -7.49 -9.42 9.61
N SER A 80 -6.67 -10.38 9.34
CA SER A 80 -7.04 -11.78 9.37
C SER A 80 -7.51 -12.10 10.80
N GLY A 81 -8.69 -12.68 10.79
CA GLY A 81 -9.36 -13.17 11.98
C GLY A 81 -9.85 -12.09 12.89
N LYS A 82 -9.72 -10.84 12.47
CA LYS A 82 -10.23 -9.67 13.26
C LYS A 82 -11.50 -9.17 12.58
N LYS A 83 -12.60 -8.95 13.29
CA LYS A 83 -13.86 -8.52 12.65
C LYS A 83 -13.93 -7.02 12.45
N SER A 84 -12.98 -6.26 12.94
CA SER A 84 -12.79 -4.84 12.86
C SER A 84 -11.32 -4.36 12.86
N GLU A 85 -11.24 -3.12 12.45
CA GLU A 85 -9.98 -2.36 12.30
C GLU A 85 -9.35 -2.18 13.66
N ARG A 86 -8.08 -2.35 13.82
CA ARG A 86 -7.40 -2.17 15.11
C ARG A 86 -6.71 -0.80 15.14
N THR A 87 -6.46 -0.39 16.35
CA THR A 87 -5.76 0.88 16.67
C THR A 87 -4.29 0.56 16.41
N LEU A 88 -3.51 1.50 15.94
CA LEU A 88 -2.11 1.27 15.70
C LEU A 88 -1.38 1.26 17.04
N ASN A 89 -0.65 0.20 17.33
CA ASN A 89 0.18 0.25 18.55
C ASN A 89 1.31 1.20 18.17
N ALA A 90 2.04 1.65 19.11
CA ALA A 90 3.19 2.54 19.00
C ALA A 90 4.45 1.70 18.93
N LYS A 91 5.47 2.20 18.26
CA LYS A 91 6.71 1.46 18.07
C LYS A 91 7.38 0.92 19.31
N GLU A 92 7.68 1.84 20.21
CA GLU A 92 8.40 1.58 21.47
C GLU A 92 7.72 0.44 22.22
N THR A 93 6.41 0.38 22.12
CA THR A 93 5.57 -0.65 22.71
C THR A 93 5.73 -2.01 22.07
N VAL A 94 5.53 -2.04 20.77
CA VAL A 94 5.58 -3.24 19.96
C VAL A 94 6.95 -3.91 20.09
N GLU A 95 7.94 -3.04 20.06
CA GLU A 95 9.36 -3.41 20.25
C GLU A 95 9.57 -3.91 21.66
N ALA A 96 8.90 -3.30 22.63
CA ALA A 96 8.99 -3.77 24.01
C ALA A 96 8.40 -5.19 23.93
N TRP A 97 7.24 -5.38 23.36
CA TRP A 97 6.60 -6.71 23.19
C TRP A 97 7.38 -7.78 22.45
N SER A 98 8.08 -7.37 21.40
CA SER A 98 8.88 -8.31 20.62
C SER A 98 9.97 -8.94 21.46
N ALA A 99 10.65 -8.21 22.29
CA ALA A 99 11.77 -8.74 23.10
C ALA A 99 11.30 -9.85 24.03
N ARG A 100 10.08 -9.58 24.54
CA ARG A 100 9.38 -10.48 25.46
C ARG A 100 8.92 -11.73 24.75
N ILE A 101 8.31 -11.63 23.59
CA ILE A 101 7.78 -12.71 22.75
C ILE A 101 8.93 -13.53 22.18
N LYS A 102 10.07 -12.87 21.99
CA LYS A 102 11.28 -13.54 21.52
C LYS A 102 11.74 -14.53 22.59
N GLU A 103 11.63 -14.18 23.86
CA GLU A 103 12.01 -15.09 24.98
C GLU A 103 11.09 -16.26 25.13
N GLN A 104 9.78 -16.15 24.99
CA GLN A 104 8.86 -17.30 25.06
C GLN A 104 9.02 -18.27 23.90
N LEU A 105 9.15 -17.84 22.68
CA LEU A 105 9.32 -18.85 21.57
C LEU A 105 10.50 -19.69 21.95
N GLY A 106 11.54 -19.02 22.36
CA GLY A 106 12.80 -19.65 22.74
C GLY A 106 12.74 -20.86 23.61
N ARG A 107 11.77 -21.10 24.41
CA ARG A 107 11.73 -22.28 25.27
C ARG A 107 11.09 -23.48 24.56
N PHE A 108 10.42 -23.32 23.45
CA PHE A 108 9.74 -24.47 22.81
C PHE A 108 10.56 -25.16 21.72
N LEU A 109 11.67 -24.52 21.38
CA LEU A 109 12.57 -24.89 20.34
C LEU A 109 14.00 -25.02 20.92
N ASP A 110 14.72 -25.84 20.22
CA ASP A 110 16.08 -26.23 20.34
C ASP A 110 16.97 -25.48 19.32
N PHE A 111 17.81 -24.68 19.92
CA PHE A 111 18.86 -23.85 19.32
C PHE A 111 20.23 -24.54 19.30
N GLU A 112 20.20 -25.62 20.06
CA GLU A 112 21.33 -26.49 20.24
C GLU A 112 21.29 -27.65 19.29
N ALA A 113 20.25 -28.37 18.93
CA ALA A 113 20.33 -29.49 17.98
C ALA A 113 21.48 -29.57 16.98
N ASP A 114 21.50 -30.79 16.39
CA ASP A 114 22.50 -31.20 15.38
C ASP A 114 21.84 -31.41 14.03
N GLY A 115 22.09 -30.44 13.16
CA GLY A 115 21.46 -30.52 11.82
C GLY A 115 20.40 -29.45 11.63
N ASN A 116 19.57 -29.29 12.66
CA ASN A 116 18.46 -28.31 12.57
C ASN A 116 18.20 -27.40 13.74
N PRO A 117 19.20 -26.69 14.19
CA PRO A 117 18.96 -25.76 15.32
C PRO A 117 17.84 -24.82 14.82
N ALA A 118 17.03 -24.44 15.76
CA ALA A 118 15.94 -23.49 15.53
C ALA A 118 16.60 -22.12 15.36
N LYS A 119 15.92 -21.17 14.76
CA LYS A 119 16.38 -19.79 14.54
C LYS A 119 15.17 -18.93 14.94
N ILE A 120 15.37 -17.75 15.47
CA ILE A 120 14.33 -16.77 15.78
C ILE A 120 14.72 -15.54 14.94
N LYS A 121 13.81 -14.96 14.22
CA LYS A 121 14.04 -13.78 13.39
C LYS A 121 13.00 -12.73 13.72
N ASN A 122 13.26 -11.55 13.27
CA ASN A 122 12.44 -10.36 13.42
C ASN A 122 12.33 -9.70 12.07
N ASN A 123 11.08 -9.63 11.55
CA ASN A 123 11.05 -9.00 10.18
C ASN A 123 11.36 -7.56 10.30
N TYR A 124 11.58 -6.86 11.36
CA TYR A 124 11.87 -5.40 11.27
C TYR A 124 13.13 -5.12 10.45
N ASP A 125 14.01 -6.02 10.43
CA ASP A 125 15.28 -6.15 9.81
C ASP A 125 15.21 -5.97 8.29
N TRP A 126 14.19 -6.54 7.68
CA TRP A 126 14.17 -6.32 6.22
C TRP A 126 13.06 -5.32 5.88
N ILE A 127 12.13 -5.06 6.76
CA ILE A 127 11.05 -4.16 6.40
C ILE A 127 11.25 -2.77 6.97
N GLY A 128 11.81 -2.64 8.11
CA GLY A 128 12.22 -1.39 8.73
C GLY A 128 12.86 -0.50 7.68
N PRO A 129 13.83 -1.01 6.96
CA PRO A 129 14.50 -0.26 5.89
C PRO A 129 13.81 -0.23 4.56
N LEU A 130 12.89 -1.02 4.12
CA LEU A 130 12.26 -0.94 2.81
C LEU A 130 11.66 0.44 2.56
N ASP A 131 11.85 1.06 1.42
CA ASP A 131 11.31 2.38 1.02
C ASP A 131 10.05 2.11 0.20
N VAL A 132 9.13 3.04 0.25
CA VAL A 132 7.87 2.94 -0.50
C VAL A 132 8.05 2.54 -1.95
N ILE A 133 8.96 3.23 -2.62
CA ILE A 133 9.12 2.99 -4.05
C ILE A 133 9.57 1.59 -4.38
N THR A 134 10.49 0.98 -3.69
CA THR A 134 10.96 -0.41 -3.98
C THR A 134 9.86 -1.39 -3.65
N PHE A 135 9.22 -1.01 -2.54
CA PHE A 135 8.10 -1.80 -2.10
C PHE A 135 7.08 -1.88 -3.22
N LEU A 136 6.63 -0.69 -3.63
CA LEU A 136 5.59 -0.60 -4.69
C LEU A 136 6.06 -1.15 -6.05
N ARG A 137 7.26 -0.92 -6.50
CA ARG A 137 7.73 -1.43 -7.77
C ARG A 137 8.01 -2.90 -7.75
N ASP A 138 8.81 -3.35 -6.78
CA ASP A 138 9.32 -4.72 -6.63
C ASP A 138 8.39 -5.79 -6.12
N VAL A 139 7.47 -5.41 -5.27
CA VAL A 139 6.46 -6.32 -4.70
C VAL A 139 5.08 -6.11 -5.36
N GLY A 140 4.64 -4.89 -5.17
CA GLY A 140 3.34 -4.40 -5.61
C GLY A 140 2.95 -4.73 -6.99
N LYS A 141 3.92 -4.80 -7.90
CA LYS A 141 3.58 -4.90 -9.34
C LYS A 141 3.01 -6.20 -9.73
N HIS A 142 3.33 -7.18 -8.91
CA HIS A 142 3.04 -8.59 -8.98
C HIS A 142 1.64 -8.93 -8.55
N PHE A 143 1.02 -8.11 -7.79
CA PHE A 143 -0.33 -8.31 -7.24
C PHE A 143 -1.41 -7.42 -7.85
N SER A 144 -2.49 -8.04 -8.30
CA SER A 144 -3.59 -7.23 -8.82
C SER A 144 -4.55 -7.02 -7.63
N VAL A 145 -5.29 -5.98 -7.74
CA VAL A 145 -6.24 -5.48 -6.76
C VAL A 145 -7.32 -6.55 -6.67
N ASN A 146 -7.52 -7.25 -7.77
CA ASN A 146 -8.55 -8.31 -7.80
C ASN A 146 -8.18 -9.48 -6.90
N TYR A 147 -6.98 -9.94 -7.01
CA TYR A 147 -6.36 -10.97 -6.24
C TYR A 147 -6.44 -10.68 -4.75
N MET A 148 -6.18 -9.45 -4.33
CA MET A 148 -6.22 -9.01 -2.93
C MET A 148 -7.63 -8.94 -2.42
N MET A 149 -8.47 -8.47 -3.33
CA MET A 149 -9.91 -8.27 -3.06
C MET A 149 -10.56 -9.63 -2.79
N ALA A 150 -10.25 -10.68 -3.52
CA ALA A 150 -10.86 -11.97 -3.25
C ALA A 150 -10.37 -12.54 -1.93
N LYS A 151 -9.46 -11.98 -1.15
CA LYS A 151 -9.10 -12.59 0.13
C LYS A 151 -10.20 -12.48 1.16
N GLU A 152 -10.23 -13.49 2.01
CA GLU A 152 -11.21 -13.58 3.10
C GLU A 152 -11.02 -12.48 4.11
N SER A 153 -9.79 -12.16 4.47
CA SER A 153 -9.56 -11.06 5.42
C SER A 153 -10.15 -9.77 4.85
N VAL A 154 -10.24 -9.62 3.54
CA VAL A 154 -10.80 -8.40 2.95
C VAL A 154 -12.29 -8.55 2.68
N GLN A 155 -12.63 -9.63 2.01
CA GLN A 155 -14.05 -9.86 1.68
C GLN A 155 -14.92 -9.65 2.92
N SER A 156 -14.52 -10.19 4.01
CA SER A 156 -15.04 -10.17 5.37
C SER A 156 -15.27 -8.81 6.00
N ARG A 157 -14.57 -7.78 5.57
CA ARG A 157 -14.53 -6.42 6.08
C ARG A 157 -15.04 -5.39 5.09
N ILE A 158 -15.38 -5.73 3.89
CA ILE A 158 -15.86 -4.83 2.84
C ILE A 158 -17.14 -4.15 3.30
N GLU A 159 -17.73 -4.76 4.30
CA GLU A 159 -18.93 -4.30 4.98
C GLU A 159 -18.57 -3.30 6.09
N THR A 160 -17.78 -3.88 7.00
CA THR A 160 -17.35 -3.13 8.16
C THR A 160 -16.31 -2.08 7.88
N GLY A 161 -15.53 -2.18 6.83
CA GLY A 161 -14.50 -1.18 6.51
C GLY A 161 -13.08 -1.59 6.86
N ILE A 162 -12.21 -1.45 5.89
CA ILE A 162 -10.80 -1.84 6.03
C ILE A 162 -9.93 -0.72 5.49
N SER A 163 -8.86 -0.37 6.20
CA SER A 163 -8.03 0.76 5.75
C SER A 163 -7.08 0.19 4.71
N PHE A 164 -6.46 1.09 3.99
CA PHE A 164 -5.44 0.70 3.00
C PHE A 164 -4.26 0.07 3.78
N THR A 165 -4.09 0.50 5.01
CA THR A 165 -3.07 0.05 5.94
C THR A 165 -3.26 -1.46 6.19
N GLU A 166 -4.47 -1.86 6.60
CA GLU A 166 -4.71 -3.29 6.84
C GLU A 166 -4.86 -4.09 5.57
N PHE A 167 -5.27 -3.41 4.52
CA PHE A 167 -5.45 -3.96 3.20
C PHE A 167 -4.08 -4.51 2.74
N SER A 168 -3.07 -3.71 2.88
CA SER A 168 -1.69 -3.94 2.49
C SER A 168 -0.96 -4.96 3.38
N TYR A 169 -1.46 -5.28 4.55
CA TYR A 169 -0.71 -6.22 5.38
C TYR A 169 -0.21 -7.46 4.64
N MET A 170 -1.04 -8.14 3.84
CA MET A 170 -0.67 -9.35 3.13
C MET A 170 0.54 -9.23 2.24
N MET A 171 0.88 -8.07 1.71
CA MET A 171 2.07 -7.83 0.92
C MET A 171 3.34 -8.01 1.79
N LEU A 172 3.25 -7.65 3.04
CA LEU A 172 4.36 -7.68 3.99
C LEU A 172 4.59 -9.14 4.37
N GLN A 173 3.59 -9.92 4.67
CA GLN A 173 3.75 -11.35 5.06
C GLN A 173 4.10 -12.12 3.84
N ALA A 174 3.74 -11.67 2.66
CA ALA A 174 4.13 -12.36 1.39
C ALA A 174 5.62 -12.14 1.12
N TYR A 175 6.09 -11.00 1.53
CA TYR A 175 7.47 -10.50 1.36
C TYR A 175 8.36 -11.24 2.33
N ASP A 176 7.91 -11.50 3.54
CA ASP A 176 8.59 -12.32 4.52
C ASP A 176 8.87 -13.72 3.94
N PHE A 177 7.88 -14.32 3.33
CA PHE A 177 7.96 -15.68 2.74
C PHE A 177 9.09 -15.62 1.70
N LEU A 178 8.98 -14.62 0.82
CA LEU A 178 10.02 -14.51 -0.21
C LEU A 178 11.42 -14.32 0.37
N ARG A 179 11.54 -13.41 1.32
CA ARG A 179 12.80 -13.11 1.94
C ARG A 179 13.41 -14.34 2.57
N LEU A 180 12.57 -15.14 3.20
CA LEU A 180 13.09 -16.33 3.91
C LEU A 180 13.49 -17.39 2.92
N TYR A 181 12.73 -17.33 1.84
CA TYR A 181 12.96 -18.32 0.75
C TYR A 181 14.35 -18.08 0.14
N GLU A 182 14.66 -16.84 -0.15
CA GLU A 182 15.87 -16.43 -0.78
C GLU A 182 17.07 -16.50 0.11
N THR A 183 16.99 -16.13 1.36
CA THR A 183 18.09 -16.10 2.29
C THR A 183 18.19 -17.33 3.18
N GLU A 184 17.16 -18.13 3.35
CA GLU A 184 17.33 -19.28 4.25
C GLU A 184 16.83 -20.56 3.66
N GLY A 185 16.44 -20.62 2.42
CA GLY A 185 15.97 -21.94 1.88
C GLY A 185 14.63 -22.45 2.38
N CYS A 186 13.90 -21.54 2.99
CA CYS A 186 12.58 -21.73 3.52
C CYS A 186 11.60 -21.98 2.39
N ARG A 187 11.02 -23.15 2.38
CA ARG A 187 10.12 -23.75 1.42
C ARG A 187 8.72 -24.08 1.94
N LEU A 188 8.49 -24.02 3.21
CA LEU A 188 7.25 -24.28 3.90
C LEU A 188 7.00 -23.15 4.95
N GLN A 189 5.77 -22.67 4.99
CA GLN A 189 5.26 -21.75 5.96
C GLN A 189 4.00 -22.38 6.59
N ILE A 190 3.91 -22.33 7.92
CA ILE A 190 2.69 -22.80 8.59
C ILE A 190 2.09 -21.63 9.37
N GLY A 191 0.88 -21.75 9.80
CA GLY A 191 0.12 -20.86 10.62
C GLY A 191 -1.26 -21.42 10.89
N GLY A 192 -2.02 -20.71 11.69
CA GLY A 192 -3.43 -21.11 11.96
C GLY A 192 -4.22 -20.75 10.67
N SER A 193 -5.36 -21.41 10.63
CA SER A 193 -6.36 -21.30 9.64
C SER A 193 -6.48 -19.94 9.00
N ASP A 194 -6.62 -18.90 9.81
CA ASP A 194 -6.87 -17.57 9.20
C ASP A 194 -5.68 -17.07 8.41
N GLN A 195 -4.55 -17.75 8.44
CA GLN A 195 -3.37 -17.26 7.72
C GLN A 195 -3.37 -17.77 6.31
N TRP A 196 -4.41 -18.53 5.94
CA TRP A 196 -4.39 -19.19 4.62
C TRP A 196 -4.26 -18.24 3.47
N GLY A 197 -4.89 -17.11 3.67
CA GLY A 197 -4.90 -16.04 2.68
C GLY A 197 -3.56 -15.41 2.45
N ASN A 198 -2.84 -15.12 3.47
CA ASN A 198 -1.55 -14.55 3.63
C ASN A 198 -0.39 -15.44 3.22
N ILE A 199 -0.59 -16.75 3.43
CA ILE A 199 0.35 -17.84 3.08
C ILE A 199 0.36 -17.97 1.53
N THR A 200 -0.83 -18.13 0.91
CA THR A 200 -1.01 -18.20 -0.58
C THR A 200 -0.50 -16.95 -1.23
N ALA A 201 -0.64 -15.75 -0.71
CA ALA A 201 -0.11 -14.51 -1.31
C ALA A 201 1.41 -14.53 -1.39
N GLY A 202 2.06 -15.17 -0.44
CA GLY A 202 3.49 -15.36 -0.30
C GLY A 202 4.02 -16.23 -1.45
N LEU A 203 3.31 -17.32 -1.72
CA LEU A 203 3.61 -18.27 -2.80
C LEU A 203 3.37 -17.59 -4.16
N GLU A 204 2.32 -16.83 -4.28
CA GLU A 204 2.14 -16.04 -5.52
C GLU A 204 3.36 -15.15 -5.77
N LEU A 205 3.82 -14.44 -4.74
CA LEU A 205 4.98 -13.54 -4.90
C LEU A 205 6.15 -14.32 -5.47
N ILE A 206 6.48 -15.38 -4.76
CA ILE A 206 7.60 -16.21 -5.12
C ILE A 206 7.47 -16.70 -6.57
N ARG A 207 6.33 -17.34 -6.81
CA ARG A 207 6.04 -17.88 -8.16
C ARG A 207 6.20 -16.75 -9.18
N LYS A 208 5.52 -15.62 -9.01
CA LYS A 208 5.62 -14.48 -9.92
C LYS A 208 7.01 -13.88 -9.98
N THR A 209 7.79 -14.04 -8.94
CA THR A 209 9.14 -13.51 -8.82
C THR A 209 10.24 -14.49 -9.17
N LYS A 210 10.10 -15.77 -9.05
CA LYS A 210 11.17 -16.73 -9.29
C LYS A 210 10.90 -17.79 -10.31
N GLY A 211 9.74 -18.36 -10.26
CA GLY A 211 9.29 -19.48 -11.10
C GLY A 211 9.26 -20.72 -10.15
N ARG A 214 8.01 -25.19 -5.78
CA ARG A 214 9.26 -25.03 -5.04
C ARG A 214 8.93 -24.78 -3.58
N ALA A 215 7.79 -24.17 -3.30
CA ALA A 215 7.40 -23.84 -1.92
C ALA A 215 6.00 -24.24 -1.55
N PHE A 216 5.76 -24.53 -0.27
CA PHE A 216 4.50 -24.97 0.31
C PHE A 216 3.94 -24.11 1.44
N GLY A 217 2.68 -24.32 1.78
CA GLY A 217 1.92 -23.72 2.86
C GLY A 217 1.07 -24.83 3.47
N LEU A 218 0.81 -24.76 4.74
CA LEU A 218 0.02 -25.67 5.53
C LEU A 218 -0.58 -24.79 6.66
N THR A 219 -1.79 -25.08 7.07
CA THR A 219 -2.38 -24.36 8.22
C THR A 219 -2.94 -25.40 9.15
N ILE A 220 -2.93 -25.07 10.42
CA ILE A 220 -3.49 -25.86 11.51
C ILE A 220 -4.93 -25.36 11.77
N PRO A 221 -5.84 -26.24 12.13
CA PRO A 221 -7.23 -25.94 12.45
C PRO A 221 -7.25 -25.07 13.71
N LEU A 222 -8.31 -24.30 13.87
CA LEU A 222 -8.56 -23.38 14.99
C LEU A 222 -8.94 -24.20 16.20
N VAL A 223 -8.57 -23.84 17.40
CA VAL A 223 -8.90 -24.73 18.56
C VAL A 223 -10.29 -24.42 19.09
N THR A 224 -11.06 -25.50 19.09
CA THR A 224 -12.46 -25.63 19.43
C THR A 224 -12.75 -26.24 20.80
N LYS A 225 -14.00 -26.01 21.18
CA LYS A 225 -14.63 -26.55 22.39
C LYS A 225 -15.96 -27.21 21.98
N ALA A 226 -16.14 -28.46 22.34
CA ALA A 226 -17.36 -29.21 22.00
C ALA A 226 -18.61 -28.47 22.41
N ASP A 227 -18.49 -27.43 23.23
CA ASP A 227 -19.66 -26.66 23.68
C ASP A 227 -19.94 -25.51 22.75
N GLY A 228 -18.98 -25.22 21.90
CA GLY A 228 -19.06 -24.13 20.93
C GLY A 228 -18.70 -22.75 21.46
N THR A 229 -18.20 -22.68 22.67
CA THR A 229 -17.75 -21.41 23.30
C THR A 229 -16.32 -21.11 22.85
N LYS A 230 -15.75 -20.03 23.32
CA LYS A 230 -14.38 -19.69 22.92
C LYS A 230 -13.28 -20.36 23.75
N PHE A 231 -12.36 -20.98 23.00
CA PHE A 231 -11.17 -21.68 23.43
C PHE A 231 -10.18 -20.67 24.01
N GLY A 232 -9.78 -20.88 25.22
CA GLY A 232 -8.78 -20.08 25.89
C GLY A 232 -9.18 -18.82 26.57
N LYS A 233 -10.46 -18.72 26.84
CA LYS A 233 -11.13 -17.57 27.45
C LYS A 233 -11.59 -17.85 28.87
N THR A 234 -10.97 -17.26 29.85
CA THR A 234 -11.35 -17.44 31.26
C THR A 234 -12.35 -16.34 31.63
N GLU A 235 -12.61 -16.21 32.93
CA GLU A 235 -13.48 -15.18 33.52
C GLU A 235 -12.54 -14.02 33.94
N SER A 236 -11.32 -14.48 34.05
CA SER A 236 -10.14 -13.72 34.39
C SER A 236 -9.58 -13.16 33.07
N GLY A 237 -10.10 -13.58 31.93
CA GLY A 237 -9.61 -13.05 30.65
C GLY A 237 -8.98 -14.07 29.73
N THR A 238 -7.66 -14.06 29.67
CA THR A 238 -6.89 -14.93 28.77
C THR A 238 -5.93 -15.72 29.67
N ILE A 239 -5.60 -16.92 29.19
CA ILE A 239 -4.58 -17.74 29.81
C ILE A 239 -3.26 -17.36 29.12
N TRP A 240 -2.35 -16.69 29.80
CA TRP A 240 -1.07 -16.34 29.21
C TRP A 240 0.00 -17.40 29.43
N LEU A 241 1.03 -17.28 28.60
CA LEU A 241 2.17 -18.22 28.70
C LEU A 241 3.20 -17.60 29.68
N ASP A 242 2.91 -16.41 30.11
CA ASP A 242 3.80 -15.65 30.96
C ASP A 242 3.41 -16.03 32.38
N LYS A 243 4.29 -16.73 33.08
CA LYS A 243 4.01 -17.13 34.45
C LYS A 243 3.86 -15.93 35.35
N GLU A 244 3.75 -14.71 34.89
CA GLU A 244 3.49 -13.53 35.72
C GLU A 244 2.18 -12.86 35.35
N LYS A 245 1.53 -13.39 34.33
CA LYS A 245 0.20 -12.92 33.93
C LYS A 245 -0.76 -13.98 34.46
N THR A 246 -0.38 -15.22 34.20
CA THR A 246 -1.07 -16.41 34.56
C THR A 246 -0.09 -17.42 35.14
N SER A 247 -0.33 -17.55 36.41
CA SER A 247 0.48 -18.43 37.26
C SER A 247 0.28 -19.88 36.87
N PRO A 248 1.32 -20.62 37.25
CA PRO A 248 1.45 -22.05 36.92
C PRO A 248 0.27 -22.82 37.44
N TYR A 249 -0.13 -22.42 38.62
CA TYR A 249 -1.33 -22.95 39.28
C TYR A 249 -2.59 -22.63 38.46
N GLU A 250 -2.75 -21.32 38.18
CA GLU A 250 -3.86 -20.82 37.38
C GLU A 250 -3.82 -21.64 36.08
N PHE A 251 -2.61 -21.71 35.53
CA PHE A 251 -2.38 -22.43 34.27
C PHE A 251 -2.85 -23.87 34.29
N TYR A 252 -2.39 -24.59 35.29
CA TYR A 252 -2.64 -26.01 35.57
C TYR A 252 -4.13 -26.26 35.71
N GLN A 253 -4.71 -25.42 36.55
CA GLN A 253 -6.15 -25.48 36.86
C GLN A 253 -6.95 -25.41 35.57
N PHE A 254 -6.48 -24.55 34.65
CA PHE A 254 -7.17 -24.35 33.37
C PHE A 254 -7.26 -25.66 32.64
N TRP A 255 -6.18 -26.41 32.66
CA TRP A 255 -6.09 -27.70 32.00
C TRP A 255 -6.82 -28.82 32.71
N ILE A 256 -6.68 -28.97 34.04
CA ILE A 256 -7.40 -30.08 34.70
C ILE A 256 -8.90 -29.94 34.48
N ASN A 257 -9.33 -28.74 34.23
CA ASN A 257 -10.71 -28.33 34.03
C ASN A 257 -11.22 -28.51 32.60
N THR A 258 -10.53 -29.16 31.70
CA THR A 258 -11.05 -29.33 30.33
C THR A 258 -12.31 -30.15 30.25
N ASP A 259 -13.17 -29.82 29.29
CA ASP A 259 -14.42 -30.59 29.11
C ASP A 259 -14.09 -31.99 28.57
N ASP A 260 -14.68 -32.97 29.21
CA ASP A 260 -14.50 -34.40 28.85
C ASP A 260 -14.51 -34.57 27.33
N ARG A 261 -15.36 -33.84 26.67
CA ARG A 261 -15.55 -33.82 25.21
C ARG A 261 -14.34 -33.25 24.50
N ASP A 262 -13.77 -32.26 25.12
CA ASP A 262 -12.56 -31.57 24.68
C ASP A 262 -11.26 -32.30 24.99
N VAL A 263 -11.08 -32.97 26.10
CA VAL A 263 -9.90 -33.69 26.51
C VAL A 263 -9.04 -34.54 25.59
N ILE A 264 -9.54 -35.42 24.76
CA ILE A 264 -8.70 -36.26 23.93
C ILE A 264 -8.09 -35.51 22.76
N ARG A 265 -8.88 -34.63 22.21
CA ARG A 265 -8.57 -33.73 21.12
C ARG A 265 -7.35 -32.87 21.48
N TYR A 266 -7.35 -32.30 22.66
CA TYR A 266 -6.34 -31.48 23.29
C TYR A 266 -5.07 -32.30 23.59
N LEU A 267 -5.25 -33.56 23.93
CA LEU A 267 -4.10 -34.41 24.17
C LEU A 267 -3.37 -34.52 22.83
N LYS A 268 -4.15 -34.56 21.77
CA LYS A 268 -3.59 -34.73 20.42
C LYS A 268 -2.80 -33.51 19.94
N TYR A 269 -3.35 -32.35 20.07
CA TYR A 269 -2.80 -31.07 19.69
C TYR A 269 -1.68 -30.54 20.60
N PHE A 270 -1.90 -30.70 21.91
CA PHE A 270 -1.00 -30.16 22.91
C PHE A 270 0.02 -31.03 23.59
N THR A 271 0.17 -32.32 23.31
CA THR A 271 1.19 -33.10 24.04
C THR A 271 2.05 -33.89 23.09
N PHE A 272 3.12 -34.42 23.62
CA PHE A 272 4.11 -35.22 22.86
C PHE A 272 3.92 -36.68 23.18
N LEU A 273 2.73 -37.09 23.64
CA LEU A 273 2.41 -38.50 23.92
C LEU A 273 2.19 -39.25 22.60
N SER A 274 2.14 -40.57 22.73
CA SER A 274 1.94 -41.37 21.51
C SER A 274 0.48 -41.78 21.35
N LYS A 275 0.24 -42.09 20.07
CA LYS A 275 -1.06 -42.52 19.56
C LYS A 275 -1.58 -43.50 20.60
N GLU A 276 -0.64 -44.41 20.76
CA GLU A 276 -0.72 -45.54 21.68
C GLU A 276 -1.19 -45.00 23.02
N GLU A 277 -0.40 -44.08 23.57
CA GLU A 277 -0.74 -43.55 24.89
C GLU A 277 -2.04 -42.81 24.81
N ILE A 278 -2.20 -42.01 23.76
CA ILE A 278 -3.45 -41.22 23.73
C ILE A 278 -4.66 -42.13 23.83
N GLU A 279 -4.55 -43.22 23.09
CA GLU A 279 -5.63 -44.21 22.98
C GLU A 279 -5.98 -44.79 24.32
N ALA A 280 -4.91 -45.12 25.03
CA ALA A 280 -5.03 -45.66 26.37
C ALA A 280 -5.98 -44.78 27.21
N LEU A 281 -5.59 -43.53 27.38
CA LEU A 281 -6.28 -42.52 28.19
C LEU A 281 -7.74 -42.33 27.81
N GLU A 282 -7.97 -42.61 26.55
CA GLU A 282 -9.28 -42.60 25.88
C GLU A 282 -10.10 -43.79 26.38
N GLN A 283 -9.50 -44.98 26.38
CA GLN A 283 -10.16 -46.18 26.93
C GLN A 283 -10.51 -45.87 28.39
N GLU A 284 -9.55 -45.40 29.15
CA GLU A 284 -9.69 -45.02 30.54
C GLU A 284 -10.92 -44.14 30.81
N LEU A 285 -11.16 -43.22 29.92
CA LEU A 285 -12.21 -42.23 29.98
C LEU A 285 -13.60 -42.76 29.63
N ARG A 286 -13.66 -43.79 28.81
CA ARG A 286 -14.94 -44.45 28.46
C ARG A 286 -15.29 -45.36 29.65
N GLU A 287 -14.28 -46.09 30.04
CA GLU A 287 -14.12 -47.04 31.11
C GLU A 287 -14.09 -46.43 32.52
N ALA A 288 -13.69 -45.20 32.75
CA ALA A 288 -13.67 -44.59 34.09
C ALA A 288 -13.38 -43.08 34.11
N PRO A 289 -14.40 -42.34 33.67
CA PRO A 289 -14.36 -40.90 33.54
C PRO A 289 -14.38 -40.07 34.79
N GLU A 290 -14.48 -40.73 35.94
CA GLU A 290 -14.52 -39.87 37.16
C GLU A 290 -13.14 -39.79 37.75
N LYS A 291 -12.26 -40.68 37.25
CA LYS A 291 -10.86 -40.62 37.77
C LYS A 291 -10.23 -39.33 37.21
N ARG A 292 -10.86 -38.88 36.11
CA ARG A 292 -10.42 -37.64 35.43
C ARG A 292 -8.95 -37.86 35.01
N ALA A 293 -8.74 -39.13 34.66
CA ALA A 293 -7.38 -39.54 34.21
C ALA A 293 -6.84 -38.51 33.22
N ALA A 294 -7.38 -38.49 32.03
CA ALA A 294 -7.06 -37.65 30.90
C ALA A 294 -6.57 -36.24 31.22
N GLN A 295 -7.49 -35.47 31.76
CA GLN A 295 -7.28 -34.08 32.12
C GLN A 295 -6.04 -33.97 32.96
N LYS A 296 -5.75 -34.92 33.82
CA LYS A 296 -4.54 -34.81 34.67
C LYS A 296 -3.21 -34.83 33.95
N THR A 297 -3.06 -35.70 33.01
CA THR A 297 -1.88 -35.88 32.14
C THR A 297 -1.69 -34.63 31.30
N LEU A 298 -2.82 -34.27 30.69
CA LEU A 298 -2.87 -33.08 29.83
C LEU A 298 -2.28 -31.91 30.62
N ALA A 299 -3.00 -31.58 31.68
CA ALA A 299 -2.55 -30.53 32.59
C ALA A 299 -1.10 -30.77 32.98
N GLU A 300 -0.70 -31.99 33.28
CA GLU A 300 0.74 -32.17 33.67
C GLU A 300 1.65 -31.95 32.51
N GLU A 301 1.19 -32.50 31.39
CA GLU A 301 2.01 -32.39 30.19
C GLU A 301 2.18 -30.94 29.79
N VAL A 302 1.13 -30.18 29.56
CA VAL A 302 1.24 -28.85 29.06
C VAL A 302 1.95 -28.01 30.08
N THR A 303 1.82 -28.34 31.38
CA THR A 303 2.41 -27.42 32.39
C THR A 303 3.91 -27.55 32.41
N LYS A 304 4.32 -28.80 32.30
CA LYS A 304 5.76 -29.07 32.21
C LYS A 304 6.28 -28.35 30.95
N LEU A 305 5.73 -28.54 29.78
CA LEU A 305 6.23 -27.90 28.56
C LEU A 305 6.36 -26.39 28.75
N VAL A 306 5.28 -25.80 29.27
CA VAL A 306 5.28 -24.34 29.29
C VAL A 306 6.18 -23.83 30.36
N HIS A 307 6.03 -24.38 31.56
CA HIS A 307 6.77 -23.90 32.73
C HIS A 307 7.87 -24.73 33.37
N GLY A 308 8.10 -25.98 33.07
CA GLY A 308 9.17 -26.80 33.70
C GLY A 308 8.59 -27.58 34.87
N GLU A 309 9.30 -28.62 35.37
CA GLU A 309 8.75 -29.47 36.43
C GLU A 309 8.64 -28.82 37.79
N GLU A 310 9.51 -27.88 38.06
CA GLU A 310 9.49 -27.21 39.38
C GLU A 310 8.14 -26.57 39.67
N ALA A 311 7.67 -25.88 38.67
CA ALA A 311 6.39 -25.19 38.57
C ALA A 311 5.23 -26.18 38.65
N LEU A 312 5.40 -27.27 37.90
CA LEU A 312 4.33 -28.27 37.95
C LEU A 312 4.22 -28.73 39.41
N ARG A 313 5.42 -28.95 39.96
CA ARG A 313 5.51 -29.46 41.34
C ARG A 313 4.56 -28.63 42.22
N GLN A 314 4.86 -27.37 42.27
CA GLN A 314 4.17 -26.29 42.97
C GLN A 314 2.71 -26.15 42.61
N ALA A 315 2.39 -26.09 41.33
CA ALA A 315 0.95 -25.99 40.98
C ALA A 315 0.24 -27.16 41.62
N ILE A 316 0.83 -28.35 41.48
CA ILE A 316 0.19 -29.55 42.05
C ILE A 316 -0.01 -29.37 43.55
N ARG A 317 0.87 -28.61 44.17
CA ARG A 317 0.87 -28.39 45.60
C ARG A 317 -0.22 -27.51 46.16
N TYR A 318 -0.31 -26.23 45.84
CA TYR A 318 -1.30 -25.30 46.32
C TYR A 318 -2.68 -25.53 45.76
N ALA A 319 -2.73 -26.34 44.73
CA ALA A 319 -4.03 -26.59 44.06
C ALA A 319 -4.90 -27.45 44.97
N MET B 1 -11.95 35.43 -8.17
CA MET B 1 -13.22 36.35 -8.23
C MET B 1 -13.30 36.89 -9.64
N ASP B 2 -12.35 37.77 -9.91
CA ASP B 2 -12.09 38.28 -11.23
C ASP B 2 -11.12 37.29 -11.93
N LEU B 3 -10.25 36.62 -11.17
CA LEU B 3 -9.34 35.64 -11.78
C LEU B 3 -10.16 34.39 -12.09
N LEU B 4 -10.96 34.04 -11.09
CA LEU B 4 -11.83 32.82 -11.27
C LEU B 4 -12.78 33.04 -12.41
N ALA B 5 -13.45 34.17 -12.45
CA ALA B 5 -14.37 34.53 -13.53
C ALA B 5 -13.63 34.53 -14.84
N GLU B 6 -12.49 35.15 -14.96
CA GLU B 6 -11.69 35.21 -16.18
C GLU B 6 -11.33 33.83 -16.75
N LEU B 7 -10.89 33.00 -15.83
CA LEU B 7 -10.52 31.60 -16.12
C LEU B 7 -11.74 30.94 -16.77
N GLN B 8 -12.83 31.18 -16.07
CA GLN B 8 -14.21 30.75 -16.41
C GLN B 8 -14.55 31.27 -17.80
N TRP B 9 -14.29 32.55 -18.05
CA TRP B 9 -14.58 33.15 -19.36
C TRP B 9 -13.66 32.50 -20.38
N ARG B 10 -12.45 32.17 -19.91
CA ARG B 10 -11.50 31.58 -20.85
C ARG B 10 -11.79 30.09 -21.05
N GLY B 11 -12.67 29.52 -20.25
CA GLY B 11 -13.01 28.09 -20.46
C GLY B 11 -11.95 27.13 -19.92
N LEU B 12 -11.22 27.59 -18.91
CA LEU B 12 -10.15 26.84 -18.25
C LEU B 12 -10.53 26.16 -16.92
N VAL B 13 -11.81 26.15 -16.60
CA VAL B 13 -12.29 25.60 -15.34
C VAL B 13 -13.26 24.46 -15.68
N ASN B 14 -12.92 23.26 -15.32
CA ASN B 14 -13.77 22.08 -15.55
C ASN B 14 -14.54 21.89 -14.22
N GLN B 15 -13.90 21.88 -13.09
CA GLN B 15 -14.56 21.60 -11.81
C GLN B 15 -13.74 22.25 -10.71
N THR B 16 -14.32 22.55 -9.60
CA THR B 16 -13.66 23.18 -8.44
C THR B 16 -14.32 22.53 -7.22
N THR B 17 -13.55 22.41 -6.16
CA THR B 17 -14.09 21.83 -4.96
C THR B 17 -15.05 22.77 -4.29
N ASP B 18 -14.85 24.04 -4.26
CA ASP B 18 -15.81 24.98 -3.55
C ASP B 18 -15.59 26.30 -4.26
N GLU B 19 -16.41 26.68 -5.20
CA GLU B 19 -16.17 27.91 -5.98
C GLU B 19 -16.17 29.20 -5.21
N ASP B 20 -17.17 29.37 -4.38
CA ASP B 20 -17.38 30.52 -3.51
C ASP B 20 -16.23 30.67 -2.55
N GLY B 21 -15.74 29.64 -1.93
CA GLY B 21 -14.61 29.54 -0.99
C GLY B 21 -13.29 29.87 -1.68
N LEU B 22 -13.04 29.26 -2.85
CA LEU B 22 -11.81 29.59 -3.58
C LEU B 22 -11.78 31.06 -4.02
N ARG B 23 -12.88 31.46 -4.63
CA ARG B 23 -12.99 32.85 -5.09
C ARG B 23 -12.73 33.83 -3.95
N LYS B 24 -13.20 33.67 -2.75
CA LYS B 24 -12.94 34.49 -1.57
C LYS B 24 -11.50 34.41 -1.12
N LEU B 25 -10.85 33.29 -1.42
CA LEU B 25 -9.45 33.10 -0.95
C LEU B 25 -8.60 33.87 -1.96
N LEU B 26 -8.98 33.78 -3.23
CA LEU B 26 -8.19 34.39 -4.25
C LEU B 26 -8.14 35.90 -4.15
N ASN B 27 -9.29 36.45 -3.85
CA ASN B 27 -9.49 37.90 -3.76
C ASN B 27 -8.97 38.53 -2.47
N GLU B 28 -8.94 37.76 -1.42
CA GLU B 28 -8.45 38.11 -0.14
C GLU B 28 -6.96 37.99 0.03
N GLU B 29 -6.41 36.81 -0.15
CA GLU B 29 -5.00 36.49 0.07
C GLU B 29 -4.13 36.26 -1.14
N ARG B 30 -2.86 36.00 -0.83
CA ARG B 30 -1.88 35.65 -1.91
C ARG B 30 -1.83 34.12 -1.80
N VAL B 31 -2.42 33.43 -2.78
CA VAL B 31 -2.55 31.97 -2.69
C VAL B 31 -1.31 31.29 -3.27
N THR B 32 -0.85 30.24 -2.63
CA THR B 32 0.23 29.31 -3.00
C THR B 32 -0.45 28.07 -3.62
N LEU B 33 -0.27 27.81 -4.90
CA LEU B 33 -0.87 26.71 -5.64
C LEU B 33 0.22 25.79 -6.19
N TYR B 34 -0.25 24.62 -6.61
CA TYR B 34 0.64 23.64 -7.22
C TYR B 34 -0.10 22.82 -8.28
N CYS B 35 0.73 22.33 -9.12
CA CYS B 35 0.46 21.47 -10.25
C CYS B 35 1.71 20.57 -10.48
N GLY B 36 1.45 19.31 -10.67
CA GLY B 36 2.58 18.34 -10.81
C GLY B 36 2.57 17.78 -12.24
N PHE B 37 3.79 17.42 -12.60
CA PHE B 37 4.14 16.84 -13.91
C PHE B 37 5.03 15.60 -13.76
N ASP B 38 4.49 14.50 -14.23
CA ASP B 38 5.26 13.24 -14.15
C ASP B 38 6.07 13.13 -15.45
N PRO B 39 7.35 12.79 -15.31
CA PRO B 39 8.23 12.61 -16.49
C PRO B 39 7.93 11.20 -17.07
N THR B 40 7.24 11.31 -18.20
CA THR B 40 6.85 10.12 -18.93
C THR B 40 7.57 10.15 -20.27
N ALA B 41 8.39 11.19 -20.42
CA ALA B 41 9.10 11.29 -21.75
C ALA B 41 10.18 12.31 -21.56
N ASP B 42 10.91 12.63 -22.61
CA ASP B 42 12.03 13.61 -22.30
C ASP B 42 11.63 15.05 -22.46
N SER B 43 10.39 15.15 -22.88
CA SER B 43 9.82 16.43 -23.16
C SER B 43 8.34 16.49 -22.78
N LEU B 44 7.98 17.74 -22.44
CA LEU B 44 6.60 18.13 -22.24
C LEU B 44 6.18 18.36 -23.73
N HIS B 45 4.91 18.31 -23.96
CA HIS B 45 4.36 18.53 -25.30
C HIS B 45 3.22 19.51 -25.16
N ILE B 46 2.60 19.96 -26.23
CA ILE B 46 1.55 20.94 -26.18
C ILE B 46 0.41 20.56 -25.28
N GLY B 47 0.20 19.31 -24.96
CA GLY B 47 -0.92 18.91 -24.05
C GLY B 47 -0.70 19.38 -22.60
N HIS B 48 0.47 19.84 -22.24
CA HIS B 48 0.80 20.31 -20.91
C HIS B 48 0.69 21.83 -20.83
N LEU B 49 0.50 22.48 -21.95
CA LEU B 49 0.53 23.95 -22.00
C LEU B 49 -0.57 24.60 -21.17
N ALA B 50 -1.76 24.09 -21.39
CA ALA B 50 -2.96 24.63 -20.72
C ALA B 50 -2.72 24.78 -19.22
N THR B 51 -2.24 23.71 -18.67
CA THR B 51 -1.94 23.57 -17.22
C THR B 51 -0.83 24.47 -16.76
N ILE B 52 0.28 24.63 -17.47
CA ILE B 52 1.39 25.51 -17.19
C ILE B 52 1.05 27.01 -17.33
N LEU B 53 0.37 27.27 -18.49
CA LEU B 53 -0.05 28.65 -18.81
C LEU B 53 -0.99 29.15 -17.72
N THR B 54 -1.87 28.29 -17.27
CA THR B 54 -2.83 28.59 -16.19
C THR B 54 -2.07 28.85 -14.93
N MET B 55 -1.00 28.09 -14.65
CA MET B 55 -0.18 28.35 -13.47
C MET B 55 0.38 29.79 -13.53
N ARG B 56 0.69 30.24 -14.71
CA ARG B 56 1.25 31.58 -14.95
C ARG B 56 0.22 32.70 -14.85
N ARG B 57 -1.04 32.44 -15.18
CA ARG B 57 -2.14 33.38 -15.05
C ARG B 57 -2.29 33.69 -13.57
N PHE B 58 -2.22 32.62 -12.77
CA PHE B 58 -2.27 32.76 -11.31
C PHE B 58 -1.08 33.60 -10.83
N GLN B 59 0.11 33.41 -11.35
CA GLN B 59 1.32 34.18 -10.96
C GLN B 59 1.15 35.66 -11.36
N GLN B 60 0.55 35.88 -12.49
CA GLN B 60 0.26 37.25 -12.92
C GLN B 60 -0.76 37.91 -12.01
N ALA B 61 -1.70 37.11 -11.50
CA ALA B 61 -2.70 37.69 -10.57
C ALA B 61 -2.07 37.86 -9.21
N GLY B 62 -0.82 37.49 -8.95
CA GLY B 62 -0.19 37.70 -7.67
C GLY B 62 -0.04 36.52 -6.74
N HIS B 63 -0.38 35.35 -7.28
CA HIS B 63 -0.29 34.10 -6.51
C HIS B 63 1.08 33.50 -6.70
N ARG B 64 1.30 32.54 -5.84
CA ARG B 64 2.61 31.88 -5.81
C ARG B 64 2.53 30.43 -6.24
N PRO B 65 3.05 30.20 -7.43
CA PRO B 65 3.07 28.87 -8.05
C PRO B 65 4.34 28.07 -7.73
N ILE B 66 4.13 26.81 -7.56
CA ILE B 66 4.99 25.73 -7.32
C ILE B 66 4.80 24.68 -8.41
N ALA B 67 5.67 24.53 -9.35
CA ALA B 67 5.54 23.43 -10.33
C ALA B 67 6.30 22.25 -9.68
N LEU B 68 5.70 21.07 -9.69
CA LEU B 68 6.23 19.85 -9.12
C LEU B 68 6.43 18.77 -10.19
N VAL B 69 7.69 18.36 -10.21
CA VAL B 69 8.21 17.32 -11.08
C VAL B 69 8.18 16.03 -10.25
N GLY B 70 7.42 15.08 -10.75
CA GLY B 70 7.25 13.80 -10.05
C GLY B 70 8.38 12.83 -10.27
N GLY B 71 9.49 13.11 -9.66
CA GLY B 71 10.67 12.31 -9.62
C GLY B 71 10.35 10.95 -9.00
N ALA B 72 9.52 10.82 -7.99
CA ALA B 72 9.10 9.57 -7.34
C ALA B 72 7.89 8.96 -7.95
N THR B 73 6.83 9.71 -8.11
CA THR B 73 5.58 9.21 -8.70
C THR B 73 5.75 8.67 -10.10
N GLY B 74 6.73 9.18 -10.82
CA GLY B 74 7.10 8.83 -12.19
C GLY B 74 7.60 7.42 -12.37
N LEU B 75 7.99 6.81 -11.27
CA LEU B 75 8.48 5.47 -11.07
C LEU B 75 7.40 4.42 -10.77
N ILE B 76 6.22 4.87 -10.45
CA ILE B 76 4.99 4.20 -10.04
C ILE B 76 4.01 4.22 -11.17
N GLY B 77 3.63 5.38 -11.65
CA GLY B 77 2.71 5.41 -12.82
C GLY B 77 1.31 5.72 -12.37
N ASP B 78 0.75 6.76 -13.01
CA ASP B 78 -0.66 7.22 -12.72
C ASP B 78 -1.60 6.54 -13.69
N PRO B 79 -2.57 5.77 -13.17
CA PRO B 79 -3.51 5.02 -14.03
C PRO B 79 -4.54 6.00 -14.58
N SER B 80 -4.46 7.18 -13.96
CA SER B 80 -5.37 8.29 -14.28
C SER B 80 -5.33 8.61 -15.76
N GLY B 81 -6.45 8.37 -16.42
CA GLY B 81 -6.55 8.67 -17.83
C GLY B 81 -5.82 7.64 -18.69
N LYS B 82 -5.33 6.57 -18.13
CA LYS B 82 -4.64 5.53 -18.92
C LYS B 82 -5.59 4.37 -19.04
N LYS B 83 -5.59 3.69 -20.19
CA LYS B 83 -6.56 2.57 -20.36
C LYS B 83 -6.01 1.21 -19.97
N SER B 84 -4.74 1.12 -19.74
CA SER B 84 -4.05 -0.13 -19.45
C SER B 84 -2.86 0.10 -18.54
N GLU B 85 -2.47 -0.99 -17.92
CA GLU B 85 -1.34 -0.97 -17.00
C GLU B 85 -0.11 -0.56 -17.80
N ARG B 86 0.74 0.21 -17.15
CA ARG B 86 1.97 0.68 -17.76
C ARG B 86 3.18 -0.04 -17.16
N THR B 87 4.15 -0.20 -18.03
CA THR B 87 5.49 -0.69 -17.82
C THR B 87 6.17 0.36 -16.90
N LEU B 88 7.09 -0.12 -16.08
CA LEU B 88 7.80 0.77 -15.15
C LEU B 88 9.02 1.32 -15.89
N ASN B 89 9.26 2.59 -15.76
CA ASN B 89 10.47 3.19 -16.40
C ASN B 89 11.60 2.95 -15.42
N ALA B 90 12.81 3.09 -15.86
CA ALA B 90 13.98 2.86 -14.98
C ALA B 90 14.31 4.15 -14.25
N LYS B 91 14.79 4.05 -13.05
CA LYS B 91 15.07 5.20 -12.19
C LYS B 91 16.03 6.16 -12.87
N GLU B 92 16.89 5.54 -13.60
CA GLU B 92 18.00 6.21 -14.33
C GLU B 92 17.37 7.02 -15.46
N THR B 93 16.38 6.43 -16.12
CA THR B 93 15.64 7.10 -17.19
C THR B 93 14.73 8.21 -16.69
N VAL B 94 13.98 7.92 -15.64
CA VAL B 94 13.08 8.90 -15.05
C VAL B 94 13.88 10.05 -14.49
N GLU B 95 15.05 9.78 -14.03
CA GLU B 95 15.91 10.81 -13.46
C GLU B 95 16.40 11.79 -14.49
N ALA B 96 16.73 11.24 -15.65
CA ALA B 96 17.26 12.02 -16.78
C ALA B 96 16.23 13.02 -17.28
N TRP B 97 15.04 12.53 -17.45
CA TRP B 97 13.84 13.21 -17.93
C TRP B 97 13.40 14.35 -17.05
N SER B 98 13.49 14.10 -15.75
CA SER B 98 13.09 15.00 -14.68
C SER B 98 13.78 16.33 -14.94
N ALA B 99 15.06 16.11 -15.22
CA ALA B 99 16.04 17.22 -15.40
C ALA B 99 15.64 18.09 -16.56
N ARG B 100 15.30 17.45 -17.66
CA ARG B 100 14.81 18.06 -18.88
C ARG B 100 13.51 18.83 -18.70
N ILE B 101 12.56 18.23 -18.04
CA ILE B 101 11.21 18.74 -17.72
C ILE B 101 11.32 19.89 -16.74
N LYS B 102 12.22 19.78 -15.77
CA LYS B 102 12.55 20.85 -14.82
C LYS B 102 12.97 22.15 -15.49
N GLU B 103 13.72 22.16 -16.54
CA GLU B 103 14.16 23.18 -17.43
C GLU B 103 13.01 23.84 -18.21
N GLN B 104 12.13 23.04 -18.80
CA GLN B 104 10.99 23.54 -19.60
C GLN B 104 10.06 24.37 -18.74
N LEU B 105 9.68 23.74 -17.63
CA LEU B 105 8.80 24.33 -16.63
C LEU B 105 9.33 25.71 -16.28
N GLY B 106 10.57 25.74 -15.93
CA GLY B 106 11.19 27.00 -15.53
C GLY B 106 11.04 28.03 -16.61
N ARG B 107 10.66 27.76 -17.87
CA ARG B 107 10.60 28.90 -18.82
C ARG B 107 9.32 29.72 -18.62
N PHE B 108 8.33 29.12 -18.01
CA PHE B 108 7.02 29.71 -17.89
C PHE B 108 6.77 30.52 -16.65
N LEU B 109 7.65 30.48 -15.67
CA LEU B 109 7.44 31.08 -14.36
C LEU B 109 8.50 32.09 -13.96
N ASP B 110 8.16 32.96 -13.02
CA ASP B 110 9.10 33.97 -12.51
C ASP B 110 9.61 33.60 -11.11
N PHE B 111 10.90 33.30 -11.04
CA PHE B 111 11.57 32.85 -9.81
C PHE B 111 12.16 34.02 -9.07
N GLU B 112 12.06 35.20 -9.64
CA GLU B 112 12.65 36.42 -9.04
C GLU B 112 11.65 37.44 -8.56
N ALA B 113 10.41 37.38 -8.98
CA ALA B 113 9.35 38.28 -8.56
C ALA B 113 9.43 38.42 -7.04
N ASP B 114 8.87 39.47 -6.54
CA ASP B 114 8.90 39.80 -5.09
C ASP B 114 7.53 39.45 -4.57
N GLY B 115 7.41 38.91 -3.36
CA GLY B 115 5.99 38.60 -2.97
C GLY B 115 5.64 37.20 -3.48
N ASN B 116 5.70 36.89 -4.77
CA ASN B 116 5.36 35.54 -5.22
C ASN B 116 6.31 34.89 -6.17
N PRO B 117 7.56 34.71 -5.83
CA PRO B 117 8.50 34.03 -6.76
C PRO B 117 8.02 32.62 -7.06
N ALA B 118 8.20 32.03 -8.20
CA ALA B 118 7.75 30.63 -8.42
C ALA B 118 8.72 29.72 -7.67
N LYS B 119 8.43 28.46 -7.67
CA LYS B 119 9.30 27.39 -7.13
C LYS B 119 9.16 26.16 -8.02
N ILE B 120 10.20 25.34 -8.15
CA ILE B 120 10.08 24.06 -8.88
C ILE B 120 10.48 23.01 -7.83
N LYS B 121 9.71 21.96 -7.65
CA LYS B 121 10.01 20.96 -6.63
C LYS B 121 10.01 19.58 -7.18
N ASN B 122 10.73 18.66 -6.48
CA ASN B 122 10.67 17.27 -7.05
C ASN B 122 10.20 16.37 -5.91
N ASN B 123 9.10 15.66 -6.04
CA ASN B 123 8.62 14.84 -4.92
C ASN B 123 9.55 13.75 -4.45
N TYR B 124 10.62 13.46 -5.06
CA TYR B 124 11.62 12.46 -4.72
C TYR B 124 12.27 12.78 -3.39
N ASP B 125 12.40 14.06 -3.20
CA ASP B 125 12.86 14.69 -1.99
C ASP B 125 12.16 14.11 -0.76
N TRP B 126 10.86 14.04 -0.73
CA TRP B 126 10.14 13.57 0.49
C TRP B 126 9.64 12.14 0.36
N ILE B 127 9.53 11.54 -0.82
CA ILE B 127 9.03 10.18 -1.03
C ILE B 127 10.18 9.18 -1.14
N GLY B 128 11.24 9.65 -1.72
CA GLY B 128 12.50 8.92 -1.95
C GLY B 128 12.86 8.26 -0.64
N PRO B 129 13.02 9.02 0.42
CA PRO B 129 13.32 8.45 1.75
C PRO B 129 12.14 7.91 2.50
N LEU B 130 10.89 7.93 2.14
CA LEU B 130 9.81 7.36 2.96
C LEU B 130 9.90 5.85 3.02
N ASP B 131 9.86 5.31 4.23
CA ASP B 131 9.90 3.84 4.45
C ASP B 131 8.46 3.32 4.38
N VAL B 132 8.26 2.08 4.04
CA VAL B 132 6.95 1.47 3.99
C VAL B 132 6.11 1.58 5.24
N ILE B 133 6.74 1.39 6.40
CA ILE B 133 6.03 1.42 7.67
C ILE B 133 5.30 2.77 7.89
N THR B 134 6.02 3.86 7.79
CA THR B 134 5.50 5.22 8.02
C THR B 134 4.39 5.55 7.06
N PHE B 135 4.61 5.25 5.81
CA PHE B 135 3.63 5.45 4.75
C PHE B 135 2.30 4.77 5.07
N LEU B 136 2.36 3.51 5.39
CA LEU B 136 1.16 2.70 5.69
C LEU B 136 0.46 3.21 6.93
N ARG B 137 1.21 3.51 7.95
CA ARG B 137 0.57 4.04 9.16
C ARG B 137 0.14 5.48 9.03
N ASP B 138 1.06 6.33 8.55
CA ASP B 138 0.76 7.77 8.54
C ASP B 138 -0.17 8.22 7.44
N VAL B 139 -0.15 7.68 6.26
CA VAL B 139 -1.01 8.03 5.13
C VAL B 139 -2.14 7.02 4.94
N GLY B 140 -1.79 5.77 4.80
CA GLY B 140 -2.60 4.62 4.56
C GLY B 140 -3.76 4.48 5.48
N LYS B 141 -3.58 4.66 6.76
CA LYS B 141 -4.64 4.51 7.77
C LYS B 141 -5.86 5.39 7.58
N HIS B 142 -5.70 6.54 6.94
CA HIS B 142 -6.73 7.54 6.70
C HIS B 142 -7.65 7.29 5.51
N PHE B 143 -7.33 6.24 4.75
CA PHE B 143 -8.09 5.92 3.54
C PHE B 143 -8.69 4.51 3.60
N SER B 144 -9.97 4.43 3.24
CA SER B 144 -10.61 3.10 3.18
C SER B 144 -10.47 2.59 1.75
N VAL B 145 -10.40 1.29 1.66
CA VAL B 145 -10.29 0.66 0.32
C VAL B 145 -11.49 1.00 -0.53
N ASN B 146 -12.59 1.28 0.11
CA ASN B 146 -13.85 1.58 -0.64
C ASN B 146 -13.72 2.92 -1.37
N TYR B 147 -13.32 3.87 -0.56
CA TYR B 147 -13.12 5.26 -0.90
C TYR B 147 -12.34 5.21 -2.20
N MET B 148 -11.28 4.47 -2.13
CA MET B 148 -10.29 4.25 -3.17
C MET B 148 -10.75 3.56 -4.43
N MET B 149 -11.57 2.53 -4.30
CA MET B 149 -12.11 1.71 -5.35
C MET B 149 -13.11 2.51 -6.16
N ALA B 150 -13.74 3.44 -5.55
CA ALA B 150 -14.77 4.25 -6.26
C ALA B 150 -14.16 5.37 -7.12
N LYS B 151 -12.86 5.57 -7.06
CA LYS B 151 -12.19 6.61 -7.87
C LYS B 151 -12.21 6.20 -9.34
N GLU B 152 -12.44 7.07 -10.26
CA GLU B 152 -12.55 6.74 -11.68
C GLU B 152 -11.38 5.95 -12.25
N SER B 153 -10.19 6.32 -11.84
CA SER B 153 -8.91 5.77 -12.25
C SER B 153 -8.81 4.29 -11.91
N VAL B 154 -9.56 3.85 -10.94
CA VAL B 154 -9.55 2.42 -10.56
C VAL B 154 -10.84 1.82 -11.04
N GLN B 155 -11.93 2.57 -10.79
CA GLN B 155 -13.22 2.02 -11.23
C GLN B 155 -13.11 1.72 -12.72
N SER B 156 -12.40 2.50 -13.46
CA SER B 156 -12.24 2.34 -14.93
C SER B 156 -11.52 1.12 -15.47
N ARG B 157 -10.60 0.59 -14.69
CA ARG B 157 -9.68 -0.49 -14.97
C ARG B 157 -10.00 -1.80 -14.29
N ILE B 158 -11.10 -1.85 -13.54
CA ILE B 158 -11.36 -3.10 -12.81
C ILE B 158 -11.65 -4.27 -13.74
N GLU B 159 -12.12 -4.07 -14.96
CA GLU B 159 -12.34 -5.22 -15.86
C GLU B 159 -11.01 -5.69 -16.49
N THR B 160 -10.17 -4.79 -16.84
CA THR B 160 -8.86 -4.85 -17.37
C THR B 160 -7.83 -5.44 -16.38
N GLY B 161 -7.89 -4.87 -15.19
CA GLY B 161 -7.05 -5.15 -14.05
C GLY B 161 -6.03 -4.03 -13.82
N ILE B 162 -5.80 -3.91 -12.52
CA ILE B 162 -4.86 -2.89 -12.02
C ILE B 162 -3.95 -3.50 -10.99
N SER B 163 -2.73 -3.04 -10.96
CA SER B 163 -1.77 -3.59 -9.98
C SER B 163 -1.90 -2.76 -8.73
N PHE B 164 -1.45 -3.35 -7.65
CA PHE B 164 -1.41 -2.64 -6.37
C PHE B 164 -0.53 -1.39 -6.48
N THR B 165 0.43 -1.39 -7.36
CA THR B 165 1.38 -0.29 -7.55
C THR B 165 0.67 0.96 -8.04
N GLU B 166 -0.08 0.75 -9.07
CA GLU B 166 -0.83 1.81 -9.68
C GLU B 166 -2.04 2.28 -8.98
N PHE B 167 -2.71 1.50 -8.23
CA PHE B 167 -3.82 1.67 -7.29
C PHE B 167 -3.39 2.56 -6.12
N SER B 168 -2.21 2.43 -5.60
CA SER B 168 -1.50 3.17 -4.59
C SER B 168 -1.03 4.56 -5.02
N TYR B 169 -0.80 4.72 -6.32
CA TYR B 169 -0.37 6.00 -6.85
C TYR B 169 -1.14 7.15 -6.19
N MET B 170 -2.45 7.18 -6.11
CA MET B 170 -3.17 8.29 -5.48
C MET B 170 -2.81 8.67 -4.07
N MET B 171 -2.24 7.81 -3.28
CA MET B 171 -1.81 8.05 -1.90
C MET B 171 -0.55 8.95 -1.92
N LEU B 172 0.27 8.72 -2.92
CA LEU B 172 1.52 9.41 -3.20
C LEU B 172 1.14 10.82 -3.54
N GLN B 173 0.32 11.04 -4.53
CA GLN B 173 -0.10 12.42 -4.88
C GLN B 173 -0.92 13.00 -3.74
N ALA B 174 -1.64 12.16 -3.04
CA ALA B 174 -2.33 12.66 -1.84
C ALA B 174 -1.29 13.24 -0.90
N TYR B 175 -0.17 12.57 -0.69
CA TYR B 175 0.92 12.92 0.21
C TYR B 175 1.71 14.19 -0.16
N ASP B 176 1.99 14.43 -1.42
CA ASP B 176 2.54 15.61 -2.02
C ASP B 176 1.65 16.82 -1.59
N PHE B 177 0.36 16.72 -1.73
CA PHE B 177 -0.64 17.74 -1.44
C PHE B 177 -0.49 18.12 0.05
N LEU B 178 -0.50 17.12 0.89
CA LEU B 178 -0.27 17.27 2.32
C LEU B 178 1.12 17.88 2.62
N ARG B 179 2.25 17.36 2.15
CA ARG B 179 3.57 17.98 2.36
C ARG B 179 3.69 19.46 2.02
N LEU B 180 3.29 19.81 0.81
CA LEU B 180 3.26 21.18 0.29
C LEU B 180 2.33 22.07 1.12
N TYR B 181 1.32 21.47 1.68
CA TYR B 181 0.38 22.29 2.51
C TYR B 181 1.17 22.61 3.79
N GLU B 182 1.81 21.61 4.33
CA GLU B 182 2.55 21.69 5.56
C GLU B 182 3.75 22.58 5.46
N THR B 183 4.64 22.36 4.52
CA THR B 183 5.85 23.16 4.37
C THR B 183 5.73 24.46 3.59
N GLU B 184 4.78 24.56 2.68
CA GLU B 184 4.65 25.68 1.79
C GLU B 184 3.39 26.47 1.91
N GLY B 185 2.50 26.18 2.82
CA GLY B 185 1.27 27.04 2.84
C GLY B 185 0.41 26.72 1.60
N CYS B 186 0.68 25.66 0.86
CA CYS B 186 -0.15 25.36 -0.31
C CYS B 186 -1.57 25.00 0.08
N ARG B 187 -2.56 25.69 -0.48
CA ARG B 187 -3.98 25.51 -0.30
C ARG B 187 -4.76 25.27 -1.58
N LEU B 188 -4.15 25.23 -2.72
CA LEU B 188 -4.82 24.99 -4.02
C LEU B 188 -3.95 24.07 -4.86
N GLN B 189 -4.56 23.14 -5.53
CA GLN B 189 -3.87 22.20 -6.43
C GLN B 189 -4.69 22.28 -7.74
N ILE B 190 -3.99 22.45 -8.85
CA ILE B 190 -4.64 22.46 -10.16
C ILE B 190 -4.16 21.22 -10.92
N GLY B 191 -4.88 20.90 -11.98
CA GLY B 191 -4.52 19.69 -12.73
C GLY B 191 -5.50 19.56 -13.87
N GLY B 192 -5.20 18.62 -14.73
CA GLY B 192 -6.05 18.30 -15.90
C GLY B 192 -7.23 17.51 -15.28
N SER B 193 -8.29 17.51 -16.04
CA SER B 193 -9.52 16.81 -15.66
C SER B 193 -9.41 15.43 -15.03
N ASP B 194 -8.52 14.60 -15.53
CA ASP B 194 -8.37 13.22 -15.05
C ASP B 194 -7.74 13.16 -13.66
N GLN B 195 -7.31 14.31 -13.20
CA GLN B 195 -6.60 14.45 -11.90
C GLN B 195 -7.55 14.69 -10.73
N TRP B 196 -8.82 14.79 -11.03
CA TRP B 196 -9.88 15.12 -10.06
C TRP B 196 -9.81 14.25 -8.83
N GLY B 197 -9.69 12.96 -9.03
CA GLY B 197 -9.69 11.93 -8.02
C GLY B 197 -8.46 11.91 -7.14
N ASN B 198 -7.34 12.19 -7.76
CA ASN B 198 -6.06 12.29 -7.07
C ASN B 198 -6.08 13.59 -6.26
N ILE B 199 -6.75 14.60 -6.81
CA ILE B 199 -6.80 15.91 -6.15
C ILE B 199 -7.67 15.85 -4.93
N THR B 200 -8.85 15.32 -5.05
CA THR B 200 -9.82 15.17 -3.93
C THR B 200 -9.23 14.20 -2.93
N ALA B 201 -8.39 13.24 -3.28
CA ALA B 201 -7.72 12.36 -2.25
C ALA B 201 -6.73 13.09 -1.37
N GLY B 202 -5.98 13.98 -1.96
CA GLY B 202 -4.99 14.77 -1.21
C GLY B 202 -5.68 15.61 -0.13
N LEU B 203 -6.77 16.21 -0.44
CA LEU B 203 -7.68 17.07 0.25
C LEU B 203 -8.31 16.29 1.42
N GLU B 204 -8.75 15.09 1.15
CA GLU B 204 -9.26 14.16 2.18
C GLU B 204 -8.14 13.85 3.17
N LEU B 205 -6.92 13.68 2.62
CA LEU B 205 -5.77 13.41 3.50
C LEU B 205 -5.53 14.59 4.46
N ILE B 206 -5.55 15.82 3.95
CA ILE B 206 -5.23 16.98 4.82
C ILE B 206 -6.30 17.16 5.91
N ARG B 207 -7.52 16.95 5.50
CA ARG B 207 -8.76 17.06 6.28
C ARG B 207 -8.80 16.06 7.42
N LYS B 208 -8.50 14.81 7.15
CA LYS B 208 -8.46 13.80 8.21
C LYS B 208 -7.26 13.93 9.12
N THR B 209 -6.22 14.58 8.69
CA THR B 209 -4.94 14.77 9.37
C THR B 209 -4.78 16.12 10.04
N LYS B 210 -5.49 17.13 9.58
CA LYS B 210 -5.40 18.49 10.14
C LYS B 210 -6.75 18.97 10.67
N GLY B 211 -7.47 19.63 9.79
CA GLY B 211 -8.80 20.18 10.09
C GLY B 211 -9.25 21.10 8.94
N ARG B 214 -9.13 23.26 4.62
CA ARG B 214 -8.50 24.60 4.48
C ARG B 214 -7.87 24.83 3.10
N ALA B 215 -8.07 23.91 2.19
CA ALA B 215 -7.58 23.76 0.83
C ALA B 215 -8.60 23.41 -0.26
N PHE B 216 -8.27 23.74 -1.50
CA PHE B 216 -9.06 23.54 -2.69
C PHE B 216 -8.36 22.84 -3.86
N GLY B 217 -9.19 22.39 -4.79
CA GLY B 217 -8.80 21.67 -6.03
C GLY B 217 -9.55 22.33 -7.20
N LEU B 218 -8.91 22.38 -8.37
CA LEU B 218 -9.62 22.98 -9.53
C LEU B 218 -9.12 22.19 -10.72
N THR B 219 -9.86 21.81 -11.70
CA THR B 219 -9.38 21.06 -12.87
C THR B 219 -9.67 21.81 -14.16
N ILE B 220 -8.80 21.65 -15.16
CA ILE B 220 -8.78 22.35 -16.45
C ILE B 220 -9.34 21.36 -17.46
N PRO B 221 -10.24 21.78 -18.32
CA PRO B 221 -10.85 20.91 -19.31
C PRO B 221 -9.81 20.57 -20.37
N LEU B 222 -9.91 19.42 -20.99
CA LEU B 222 -9.02 18.91 -22.02
C LEU B 222 -9.23 19.84 -23.21
N VAL B 223 -8.20 19.98 -24.01
CA VAL B 223 -8.28 20.86 -25.21
C VAL B 223 -8.98 20.02 -26.30
N THR B 224 -9.94 20.74 -26.85
CA THR B 224 -10.85 20.18 -27.87
C THR B 224 -10.70 20.82 -29.23
N LYS B 225 -11.03 19.99 -30.22
CA LYS B 225 -11.03 20.35 -31.63
C LYS B 225 -12.46 20.31 -32.10
N ALA B 226 -12.85 21.50 -32.51
CA ALA B 226 -14.23 21.69 -32.98
C ALA B 226 -14.58 20.59 -33.98
N ASP B 227 -13.60 20.26 -34.83
CA ASP B 227 -13.89 19.23 -35.86
C ASP B 227 -14.04 17.85 -35.23
N GLY B 228 -13.94 17.84 -33.91
CA GLY B 228 -14.10 16.61 -33.13
C GLY B 228 -12.83 15.77 -33.11
N THR B 229 -11.75 16.30 -33.62
CA THR B 229 -10.48 15.57 -33.59
C THR B 229 -9.78 15.79 -32.25
N LYS B 230 -8.60 15.17 -32.22
CA LYS B 230 -7.64 15.17 -31.12
C LYS B 230 -6.55 16.24 -31.26
N PHE B 231 -6.34 16.96 -30.17
CA PHE B 231 -5.42 18.06 -30.01
C PHE B 231 -3.96 17.70 -29.84
N GLY B 232 -3.13 18.33 -30.64
CA GLY B 232 -1.66 18.23 -30.64
C GLY B 232 -1.21 17.05 -31.52
N LYS B 233 -2.24 16.43 -32.09
CA LYS B 233 -2.17 15.31 -32.99
C LYS B 233 -1.98 15.70 -34.46
N THR B 234 -0.77 15.77 -34.95
CA THR B 234 -0.30 16.05 -36.30
C THR B 234 0.07 14.71 -36.97
N GLU B 235 0.67 14.77 -38.16
CA GLU B 235 1.07 13.55 -38.88
C GLU B 235 2.62 13.51 -38.94
N SER B 236 3.17 14.47 -38.26
CA SER B 236 4.58 14.59 -37.92
C SER B 236 4.62 14.22 -36.41
N GLY B 237 3.47 13.73 -35.97
CA GLY B 237 3.27 13.28 -34.59
C GLY B 237 3.07 14.49 -33.67
N THR B 238 3.59 14.33 -32.49
CA THR B 238 3.56 15.22 -31.36
C THR B 238 4.32 16.52 -31.47
N ILE B 239 3.64 17.62 -31.01
CA ILE B 239 4.36 18.91 -31.02
C ILE B 239 4.95 18.99 -29.62
N TRP B 240 6.28 18.94 -29.55
CA TRP B 240 6.99 19.00 -28.27
C TRP B 240 7.41 20.42 -27.97
N LEU B 241 7.80 20.72 -26.73
CA LEU B 241 8.23 22.11 -26.39
C LEU B 241 9.76 22.16 -26.46
N ASP B 242 10.28 21.00 -26.83
CA ASP B 242 11.73 20.75 -27.01
C ASP B 242 12.03 21.16 -28.45
N LYS B 243 12.76 22.26 -28.58
CA LYS B 243 13.06 22.86 -29.85
C LYS B 243 13.97 22.03 -30.69
N GLU B 244 14.35 20.87 -30.27
CA GLU B 244 15.16 19.93 -31.03
C GLU B 244 14.44 18.67 -31.40
N LYS B 245 13.20 18.55 -30.98
CA LYS B 245 12.35 17.43 -31.30
C LYS B 245 11.33 17.95 -32.31
N THR B 246 11.00 19.22 -32.11
CA THR B 246 10.03 20.03 -32.77
C THR B 246 10.55 21.48 -32.83
N SER B 247 10.93 21.80 -34.02
CA SER B 247 11.53 23.13 -34.23
C SER B 247 10.53 24.24 -34.10
N PRO B 248 11.10 25.41 -33.78
CA PRO B 248 10.30 26.66 -33.71
C PRO B 248 9.40 26.82 -34.92
N TYR B 249 9.97 26.58 -36.09
CA TYR B 249 9.32 26.63 -37.41
C TYR B 249 8.08 25.75 -37.40
N GLU B 250 8.46 24.51 -37.13
CA GLU B 250 7.43 23.46 -37.10
C GLU B 250 6.36 23.89 -36.13
N PHE B 251 6.82 24.36 -34.97
CA PHE B 251 5.93 24.71 -33.87
C PHE B 251 4.99 25.84 -34.28
N TYR B 252 5.64 26.88 -34.78
CA TYR B 252 4.93 28.07 -35.27
C TYR B 252 3.96 27.68 -36.39
N GLN B 253 4.40 26.89 -37.33
CA GLN B 253 3.51 26.45 -38.43
C GLN B 253 2.25 25.77 -37.93
N PHE B 254 2.36 24.96 -36.91
CA PHE B 254 1.24 24.26 -36.25
C PHE B 254 0.15 25.26 -35.83
N TRP B 255 0.51 26.28 -35.11
CA TRP B 255 -0.40 27.30 -34.61
C TRP B 255 -1.08 28.09 -35.71
N ILE B 256 -0.31 28.42 -36.74
CA ILE B 256 -0.83 29.22 -37.85
C ILE B 256 -1.89 28.48 -38.63
N ASN B 257 -1.79 27.19 -38.65
CA ASN B 257 -2.72 26.32 -39.36
C ASN B 257 -3.92 26.00 -38.48
N THR B 258 -4.10 26.75 -37.42
CA THR B 258 -5.27 26.51 -36.57
C THR B 258 -6.51 26.86 -37.38
N ASP B 259 -7.48 25.99 -37.30
CA ASP B 259 -8.78 26.09 -37.98
C ASP B 259 -9.58 27.21 -37.35
N ASP B 260 -10.13 27.97 -38.28
CA ASP B 260 -11.00 29.09 -37.97
C ASP B 260 -12.00 28.78 -36.85
N ARG B 261 -12.63 27.65 -36.89
CA ARG B 261 -13.62 27.30 -35.87
C ARG B 261 -12.96 27.14 -34.50
N ASP B 262 -11.69 26.81 -34.45
CA ASP B 262 -10.92 26.60 -33.23
C ASP B 262 -10.21 27.85 -32.74
N VAL B 263 -9.76 28.66 -33.65
CA VAL B 263 -8.91 29.79 -33.35
C VAL B 263 -9.14 30.64 -32.14
N ILE B 264 -10.31 31.16 -31.91
CA ILE B 264 -10.58 32.11 -30.78
C ILE B 264 -10.54 31.44 -29.44
N ARG B 265 -11.00 30.18 -29.51
CA ARG B 265 -11.04 29.33 -28.27
C ARG B 265 -9.61 29.17 -27.74
N TYR B 266 -8.72 28.88 -28.71
CA TYR B 266 -7.31 28.77 -28.58
C TYR B 266 -6.73 30.12 -28.12
N LEU B 267 -7.11 31.28 -28.58
CA LEU B 267 -6.58 32.56 -28.09
C LEU B 267 -6.85 32.70 -26.59
N LYS B 268 -8.04 32.28 -26.23
CA LYS B 268 -8.47 32.27 -24.84
C LYS B 268 -7.73 31.36 -23.86
N TYR B 269 -7.42 30.13 -24.23
CA TYR B 269 -6.73 29.11 -23.50
C TYR B 269 -5.21 29.34 -23.32
N PHE B 270 -4.59 29.64 -24.45
CA PHE B 270 -3.18 29.78 -24.69
C PHE B 270 -2.61 31.17 -24.72
N THR B 271 -3.34 32.29 -24.77
CA THR B 271 -2.56 33.56 -24.85
C THR B 271 -2.92 34.39 -23.64
N PHE B 272 -2.17 35.43 -23.40
CA PHE B 272 -2.30 36.39 -22.33
C PHE B 272 -2.95 37.69 -22.80
N LEU B 273 -3.60 37.65 -23.93
CA LEU B 273 -4.36 38.73 -24.53
C LEU B 273 -5.56 38.98 -23.61
N SER B 274 -6.03 40.20 -23.68
CA SER B 274 -7.16 40.63 -22.86
C SER B 274 -8.46 40.22 -23.54
N LYS B 275 -9.49 40.34 -22.74
CA LYS B 275 -10.84 39.98 -23.20
C LYS B 275 -11.21 40.83 -24.40
N GLU B 276 -10.81 42.07 -24.21
CA GLU B 276 -11.09 43.09 -25.23
C GLU B 276 -10.26 42.80 -26.45
N GLU B 277 -9.00 42.44 -26.29
CA GLU B 277 -8.18 42.15 -27.48
C GLU B 277 -8.71 40.94 -28.22
N ILE B 278 -9.00 39.88 -27.48
CA ILE B 278 -9.51 38.69 -28.20
C ILE B 278 -10.76 38.98 -29.02
N GLU B 279 -11.67 39.79 -28.50
CA GLU B 279 -12.91 40.07 -29.24
C GLU B 279 -12.72 40.75 -30.56
N ALA B 280 -11.79 41.67 -30.58
CA ALA B 280 -11.41 42.37 -31.81
C ALA B 280 -11.22 41.26 -32.86
N LEU B 281 -10.29 40.38 -32.51
CA LEU B 281 -9.86 39.28 -33.37
C LEU B 281 -11.04 38.45 -33.85
N GLU B 282 -11.98 38.35 -32.93
CA GLU B 282 -13.20 37.60 -33.24
C GLU B 282 -13.90 38.35 -34.36
N GLN B 283 -14.04 39.66 -34.20
CA GLN B 283 -14.71 40.49 -35.22
C GLN B 283 -14.04 40.36 -36.58
N GLU B 284 -12.73 40.37 -36.56
CA GLU B 284 -11.92 40.33 -37.79
C GLU B 284 -11.98 39.02 -38.56
N LEU B 285 -12.32 37.99 -37.77
CA LEU B 285 -12.44 36.64 -38.33
C LEU B 285 -13.77 36.57 -39.08
N ARG B 286 -14.74 37.31 -38.54
CA ARG B 286 -16.11 37.41 -39.08
C ARG B 286 -16.02 38.20 -40.39
N GLU B 287 -15.53 39.40 -40.19
CA GLU B 287 -15.33 40.42 -41.21
C GLU B 287 -14.20 40.15 -42.17
N ALA B 288 -13.16 39.37 -41.89
CA ALA B 288 -12.04 39.16 -42.82
C ALA B 288 -11.09 38.01 -42.49
N PRO B 289 -11.61 36.80 -42.61
CA PRO B 289 -10.92 35.57 -42.33
C PRO B 289 -9.82 35.16 -43.29
N GLU B 290 -9.88 35.71 -44.46
CA GLU B 290 -8.92 35.37 -45.52
C GLU B 290 -7.58 35.94 -45.05
N LYS B 291 -7.82 36.92 -44.20
CA LYS B 291 -6.76 37.66 -43.54
C LYS B 291 -5.98 36.76 -42.57
N ARG B 292 -6.71 35.89 -41.87
CA ARG B 292 -6.14 34.95 -40.91
C ARG B 292 -5.39 35.69 -39.81
N ALA B 293 -5.99 36.79 -39.32
CA ALA B 293 -5.24 37.55 -38.28
C ALA B 293 -5.19 36.79 -36.98
N ALA B 294 -6.32 36.29 -36.50
CA ALA B 294 -6.32 35.52 -35.23
C ALA B 294 -5.21 34.47 -35.20
N GLN B 295 -5.15 33.59 -36.18
CA GLN B 295 -4.15 32.53 -36.25
C GLN B 295 -2.72 33.06 -36.22
N LYS B 296 -2.53 34.18 -36.88
CA LYS B 296 -1.14 34.69 -36.91
C LYS B 296 -0.75 35.17 -35.55
N THR B 297 -1.69 35.71 -34.77
CA THR B 297 -1.37 36.24 -33.42
C THR B 297 -1.06 35.11 -32.43
N LEU B 298 -1.89 34.08 -32.62
CA LEU B 298 -1.86 32.86 -31.77
C LEU B 298 -0.45 32.28 -31.84
N ALA B 299 -0.02 31.95 -33.04
CA ALA B 299 1.27 31.43 -33.44
C ALA B 299 2.35 32.32 -32.92
N GLU B 300 2.29 33.63 -33.04
CA GLU B 300 3.39 34.45 -32.51
C GLU B 300 3.38 34.47 -31.01
N GLU B 301 2.15 34.58 -30.47
CA GLU B 301 2.04 34.65 -28.99
C GLU B 301 2.56 33.40 -28.32
N VAL B 302 2.13 32.25 -28.85
CA VAL B 302 2.51 30.97 -28.25
C VAL B 302 3.96 30.66 -28.43
N THR B 303 4.49 31.00 -29.58
CA THR B 303 5.88 30.72 -29.96
C THR B 303 6.83 31.52 -29.09
N LYS B 304 6.49 32.79 -28.85
CA LYS B 304 7.29 33.64 -27.99
C LYS B 304 7.39 33.02 -26.58
N LEU B 305 6.28 32.70 -25.94
CA LEU B 305 6.06 32.10 -24.66
C LEU B 305 6.86 30.80 -24.49
N VAL B 306 6.77 29.94 -25.51
CA VAL B 306 7.49 28.69 -25.45
C VAL B 306 8.94 28.82 -25.91
N HIS B 307 9.18 29.57 -26.98
CA HIS B 307 10.53 29.69 -27.52
C HIS B 307 11.27 30.98 -27.32
N GLY B 308 10.62 32.08 -26.96
CA GLY B 308 11.36 33.36 -26.79
C GLY B 308 11.16 34.11 -28.12
N GLU B 309 11.56 35.36 -27.99
CA GLU B 309 11.44 36.37 -29.05
C GLU B 309 12.44 36.12 -30.16
N GLU B 310 13.58 35.60 -29.77
CA GLU B 310 14.62 35.27 -30.77
C GLU B 310 14.18 34.16 -31.70
N ALA B 311 13.58 33.13 -31.13
CA ALA B 311 13.09 31.95 -31.87
C ALA B 311 11.93 32.33 -32.81
N LEU B 312 11.34 33.46 -32.39
CA LEU B 312 10.22 34.03 -33.09
C LEU B 312 10.76 34.54 -34.44
N ARG B 313 11.74 35.39 -34.32
CA ARG B 313 12.39 35.94 -35.51
C ARG B 313 12.36 34.92 -36.65
N TYR C . 0.07 -12.36 10.54
CA TYR C . 0.42 -13.39 11.51
C TYR C . -0.52 -13.34 12.73
O TYR C . -0.46 -14.34 13.51
CB TYR C . 1.91 -13.32 11.99
CG TYR C . 2.89 -13.32 10.87
CD1 TYR C . 3.00 -14.46 9.98
CD2 TYR C . 3.71 -12.27 10.65
CE1 TYR C . 3.91 -14.43 8.94
CE2 TYR C . 4.67 -12.24 9.60
CZ TYR C . 4.73 -13.32 8.76
OH TYR C . 5.67 -13.26 7.76
OXT TYR C . -1.24 -12.36 12.92
N TYR D . -0.25 12.23 -11.58
CA TYR D . -0.21 13.47 -12.42
C TYR D . -0.09 13.02 -13.87
O TYR D . -0.06 13.90 -14.76
CB TYR D . 0.95 14.46 -12.10
CG TYR D . 1.23 14.74 -10.65
CD1 TYR D . 0.40 15.64 -9.93
CD2 TYR D . 2.27 14.16 -9.96
CE1 TYR D . 0.51 15.92 -8.58
CE2 TYR D . 2.45 14.46 -8.58
CZ TYR D . 1.60 15.32 -7.89
OH TYR D . 1.74 15.58 -6.55
OXT TYR D . -0.05 11.79 -14.11
#